data_1P42
#
_entry.id   1P42
#
_cell.length_a   101.66
_cell.length_b   101.66
_cell.length_c   125.10
_cell.angle_alpha   90.00
_cell.angle_beta   90.00
_cell.angle_gamma   120.00
#
_symmetry.space_group_name_H-M   'P 61'
#
loop_
_entity.id
_entity.type
_entity.pdbx_description
1 polymer 'UDP-3-O-[3-hydroxymyristoyl] N-acetylglucosamine deacetylase'
2 non-polymer 'ZINC ION'
3 non-polymer 'MYRISTIC ACID'
4 water water
#
_entity_poly.entity_id   1
_entity_poly.type   'polypeptide(L)'
_entity_poly.pdbx_seq_one_letter_code
;GLEKTVKEKLSFEGVGIHTGEYSKLIIHPEKEGTGIRFFKNGVYIPARHEFVVHTNHSTDLGFKGQRIKTVEHILSVLHL
LEITNVTIEVIGNEIPILDGSGWEFYEAIRKNILNQNREIDYFVVEEPIIVEDEGRLIKAEPSDTLEVTYEGEFKNFLGR
QKFTFVEGNEEEIVLARTFAFDWEIEHIKKVGLGKGGSLKNTLVLGKDKVYNPEGLRYENEPVRHKVFDLIGDLYLLGSP
VKGKFYSFRGGHSLNVKLVKELAKKQKLTR
;
_entity_poly.pdbx_strand_id   A,B
#
# COMPACT_ATOMS: atom_id res chain seq x y z
N GLY A 1 -12.61 -41.78 -2.53
CA GLY A 1 -13.58 -40.64 -2.61
C GLY A 1 -14.04 -40.41 -4.04
N LEU A 2 -15.22 -39.83 -4.20
CA LEU A 2 -15.74 -39.57 -5.53
C LEU A 2 -15.29 -38.21 -6.06
N GLU A 3 -15.12 -38.11 -7.38
CA GLU A 3 -14.71 -36.86 -8.01
C GLU A 3 -15.76 -35.80 -7.69
N LYS A 4 -15.36 -34.54 -7.73
CA LYS A 4 -16.27 -33.45 -7.43
C LYS A 4 -16.09 -32.26 -8.34
N THR A 5 -17.15 -31.49 -8.51
CA THR A 5 -17.12 -30.28 -9.30
C THR A 5 -17.96 -29.29 -8.50
N VAL A 6 -18.30 -28.14 -9.07
CA VAL A 6 -19.12 -27.16 -8.36
C VAL A 6 -20.57 -27.27 -8.84
N LYS A 7 -21.52 -26.98 -7.95
CA LYS A 7 -22.94 -27.05 -8.29
C LYS A 7 -23.32 -26.05 -9.37
N GLU A 8 -22.66 -24.89 -9.35
CA GLU A 8 -22.94 -23.83 -10.32
C GLU A 8 -21.72 -22.93 -10.47
N LYS A 9 -21.76 -22.06 -11.48
CA LYS A 9 -20.66 -21.13 -11.73
C LYS A 9 -20.42 -20.27 -10.51
N LEU A 10 -19.15 -20.07 -10.17
CA LEU A 10 -18.76 -19.22 -9.04
C LEU A 10 -17.83 -18.15 -9.58
N SER A 11 -17.99 -16.91 -9.13
N SER A 11 -18.00 -16.92 -9.12
CA SER A 11 -17.14 -15.83 -9.61
CA SER A 11 -17.17 -15.82 -9.59
C SER A 11 -16.44 -15.09 -8.47
C SER A 11 -16.45 -15.09 -8.45
N PHE A 12 -15.24 -14.61 -8.74
CA PHE A 12 -14.44 -13.87 -7.78
C PHE A 12 -13.72 -12.79 -8.59
N GLU A 13 -13.42 -11.65 -7.97
CA GLU A 13 -12.72 -10.60 -8.68
C GLU A 13 -11.92 -9.73 -7.74
N GLY A 14 -10.93 -9.04 -8.28
CA GLY A 14 -10.10 -8.17 -7.49
C GLY A 14 -8.78 -7.95 -8.17
N VAL A 15 -7.92 -7.19 -7.52
CA VAL A 15 -6.61 -6.87 -8.06
C VAL A 15 -5.68 -8.07 -7.95
N GLY A 16 -4.69 -8.12 -8.84
CA GLY A 16 -3.72 -9.19 -8.79
C GLY A 16 -2.56 -8.63 -7.99
N ILE A 17 -2.00 -9.42 -7.07
CA ILE A 17 -0.91 -8.91 -6.25
C ILE A 17 0.32 -8.46 -7.04
N HIS A 18 0.62 -9.12 -8.15
CA HIS A 18 1.80 -8.75 -8.92
C HIS A 18 1.56 -7.76 -10.05
N THR A 19 0.50 -7.95 -10.81
CA THR A 19 0.20 -7.05 -11.93
C THR A 19 -0.42 -5.74 -11.50
N GLY A 20 -1.13 -5.77 -10.37
CA GLY A 20 -1.79 -4.58 -9.90
C GLY A 20 -3.01 -4.29 -10.76
N GLU A 21 -3.36 -5.24 -11.62
CA GLU A 21 -4.50 -5.10 -12.51
C GLU A 21 -5.72 -5.84 -11.96
N TYR A 22 -6.89 -5.40 -12.40
CA TYR A 22 -8.13 -6.04 -11.99
C TYR A 22 -8.30 -7.32 -12.80
N SER A 23 -8.77 -8.38 -12.15
CA SER A 23 -9.00 -9.62 -12.87
C SER A 23 -10.22 -10.29 -12.28
N LYS A 24 -10.83 -11.17 -13.06
CA LYS A 24 -12.00 -11.89 -12.60
C LYS A 24 -11.94 -13.35 -12.94
N LEU A 25 -12.54 -14.15 -12.06
CA LEU A 25 -12.57 -15.59 -12.24
C LEU A 25 -14.00 -16.06 -12.34
N ILE A 26 -14.20 -17.10 -13.13
CA ILE A 26 -15.49 -17.74 -13.27
C ILE A 26 -15.14 -19.22 -13.23
N ILE A 27 -15.56 -19.88 -12.16
CA ILE A 27 -15.30 -21.30 -11.97
C ILE A 27 -16.49 -22.07 -12.54
N HIS A 28 -16.24 -22.83 -13.61
CA HIS A 28 -17.29 -23.60 -14.30
C HIS A 28 -17.29 -25.08 -13.97
N PRO A 29 -18.48 -25.68 -13.84
CA PRO A 29 -18.55 -27.12 -13.54
C PRO A 29 -18.06 -27.88 -14.77
N GLU A 30 -17.53 -29.07 -14.57
CA GLU A 30 -17.05 -29.91 -15.67
C GLU A 30 -17.39 -31.37 -15.31
N LYS A 31 -17.57 -32.20 -16.34
CA LYS A 31 -17.93 -33.60 -16.12
C LYS A 31 -16.74 -34.43 -15.62
N GLU A 32 -17.03 -35.66 -15.21
CA GLU A 32 -16.03 -36.59 -14.71
C GLU A 32 -14.85 -36.74 -15.66
N GLY A 33 -13.66 -36.90 -15.08
CA GLY A 33 -12.46 -37.09 -15.89
C GLY A 33 -11.89 -35.87 -16.59
N THR A 34 -12.50 -34.71 -16.36
CA THR A 34 -12.01 -33.49 -17.01
C THR A 34 -10.71 -32.96 -16.39
N GLY A 35 -10.66 -32.95 -15.05
CA GLY A 35 -9.48 -32.45 -14.38
C GLY A 35 -9.61 -30.95 -14.15
N ILE A 36 -8.59 -30.34 -13.55
CA ILE A 36 -8.60 -28.91 -13.27
C ILE A 36 -7.80 -28.18 -14.35
N ARG A 37 -8.41 -27.18 -14.96
CA ARG A 37 -7.72 -26.41 -15.98
C ARG A 37 -8.20 -24.97 -15.97
N PHE A 38 -7.37 -24.08 -16.50
CA PHE A 38 -7.73 -22.68 -16.60
C PHE A 38 -8.11 -22.41 -18.04
N PHE A 39 -8.81 -21.31 -18.26
CA PHE A 39 -9.21 -20.93 -19.62
C PHE A 39 -9.00 -19.44 -19.74
N LYS A 40 -8.21 -19.02 -20.73
CA LYS A 40 -7.92 -17.62 -20.95
C LYS A 40 -7.81 -17.32 -22.44
N ASN A 41 -8.52 -16.29 -22.89
CA ASN A 41 -8.47 -15.89 -24.29
C ASN A 41 -8.53 -17.07 -25.24
N GLY A 42 -9.50 -17.96 -25.00
CA GLY A 42 -9.69 -19.12 -25.85
C GLY A 42 -8.73 -20.28 -25.69
N VAL A 43 -7.81 -20.20 -24.73
CA VAL A 43 -6.85 -21.28 -24.54
C VAL A 43 -6.99 -21.99 -23.19
N TYR A 44 -6.99 -23.31 -23.23
CA TYR A 44 -7.08 -24.09 -22.00
C TYR A 44 -5.68 -24.36 -21.48
N ILE A 45 -5.46 -24.04 -20.21
CA ILE A 45 -4.17 -24.29 -19.60
C ILE A 45 -4.38 -25.24 -18.43
N PRO A 46 -4.00 -26.52 -18.61
CA PRO A 46 -4.18 -27.50 -17.53
C PRO A 46 -3.40 -27.11 -16.29
N ALA A 47 -3.97 -27.41 -15.11
CA ALA A 47 -3.29 -27.11 -13.85
C ALA A 47 -2.31 -28.25 -13.60
N ARG A 48 -1.26 -28.31 -14.42
CA ARG A 48 -0.24 -29.35 -14.32
C ARG A 48 1.15 -28.76 -14.43
N HIS A 49 2.11 -29.43 -13.81
CA HIS A 49 3.50 -28.96 -13.79
C HIS A 49 4.11 -28.70 -15.15
N GLU A 50 3.66 -29.39 -16.19
CA GLU A 50 4.21 -29.17 -17.52
C GLU A 50 3.98 -27.75 -18.02
N PHE A 51 3.00 -27.06 -17.44
CA PHE A 51 2.69 -25.71 -17.88
C PHE A 51 3.23 -24.58 -17.01
N VAL A 52 4.05 -24.92 -16.01
CA VAL A 52 4.63 -23.90 -15.14
C VAL A 52 5.66 -23.11 -15.94
N VAL A 53 5.61 -21.78 -15.87
CA VAL A 53 6.56 -20.95 -16.61
C VAL A 53 7.35 -19.99 -15.73
N HIS A 54 6.96 -19.90 -14.46
CA HIS A 54 7.63 -18.99 -13.51
C HIS A 54 7.31 -19.44 -12.09
N THR A 55 8.29 -19.37 -11.19
CA THR A 55 8.08 -19.77 -9.80
C THR A 55 8.77 -18.88 -8.75
N ASN A 56 9.46 -17.83 -9.19
CA ASN A 56 10.18 -16.99 -8.24
C ASN A 56 9.36 -16.28 -7.17
N HIS A 57 8.30 -15.58 -7.56
CA HIS A 57 7.49 -14.88 -6.57
C HIS A 57 6.02 -15.25 -6.63
N SER A 58 5.76 -16.37 -7.29
CA SER A 58 4.41 -16.92 -7.45
C SER A 58 4.54 -18.11 -8.38
N THR A 59 3.48 -18.90 -8.49
CA THR A 59 3.49 -20.04 -9.40
C THR A 59 2.65 -19.61 -10.58
N ASP A 60 3.29 -19.50 -11.75
CA ASP A 60 2.60 -19.07 -12.95
C ASP A 60 2.54 -20.15 -14.00
N LEU A 61 1.42 -20.22 -14.72
CA LEU A 61 1.22 -21.21 -15.77
C LEU A 61 1.06 -20.52 -17.11
N GLY A 62 1.34 -21.26 -18.18
CA GLY A 62 1.19 -20.71 -19.51
C GLY A 62 1.14 -21.78 -20.57
N PHE A 63 0.49 -21.44 -21.69
CA PHE A 63 0.38 -22.35 -22.82
C PHE A 63 -0.05 -21.57 -24.04
N LYS A 64 0.57 -21.87 -25.18
CA LYS A 64 0.24 -21.23 -26.44
C LYS A 64 0.15 -19.71 -26.42
N GLY A 65 1.09 -19.05 -25.74
CA GLY A 65 1.08 -17.60 -25.70
C GLY A 65 0.19 -16.95 -24.65
N GLN A 66 -0.53 -17.76 -23.89
CA GLN A 66 -1.39 -17.24 -22.83
C GLN A 66 -0.79 -17.61 -21.48
N ARG A 67 -0.73 -16.64 -20.57
N ARG A 67 -0.75 -16.64 -20.57
CA ARG A 67 -0.16 -16.88 -19.25
CA ARG A 67 -0.18 -16.86 -19.25
C ARG A 67 -1.10 -16.41 -18.14
C ARG A 67 -1.10 -16.40 -18.13
N ILE A 68 -1.02 -17.08 -16.99
CA ILE A 68 -1.84 -16.74 -15.83
C ILE A 68 -0.93 -16.80 -14.61
N LYS A 69 -0.80 -15.68 -13.90
CA LYS A 69 0.06 -15.64 -12.73
C LYS A 69 -0.65 -15.95 -11.41
N THR A 70 0.13 -16.43 -10.45
CA THR A 70 -0.33 -16.69 -9.09
C THR A 70 -1.50 -17.65 -8.92
N VAL A 71 -1.32 -18.89 -9.35
CA VAL A 71 -2.39 -19.88 -9.24
C VAL A 71 -2.30 -20.70 -7.94
N GLU A 72 -1.24 -20.50 -7.16
CA GLU A 72 -1.07 -21.31 -5.95
C GLU A 72 -2.21 -21.36 -4.92
N HIS A 73 -2.89 -20.25 -4.69
CA HIS A 73 -3.96 -20.23 -3.68
C HIS A 73 -5.27 -20.85 -4.13
N ILE A 74 -5.72 -20.54 -5.34
CA ILE A 74 -6.95 -21.14 -5.81
C ILE A 74 -6.74 -22.65 -5.97
N LEU A 75 -5.55 -23.05 -6.43
CA LEU A 75 -5.28 -24.47 -6.59
C LEU A 75 -5.19 -25.19 -5.24
N SER A 76 -4.68 -24.52 -4.21
CA SER A 76 -4.58 -25.16 -2.91
C SER A 76 -5.98 -25.42 -2.33
N VAL A 77 -6.87 -24.45 -2.48
CA VAL A 77 -8.23 -24.61 -1.98
C VAL A 77 -8.95 -25.75 -2.71
N LEU A 78 -8.75 -25.83 -4.03
CA LEU A 78 -9.37 -26.89 -4.81
C LEU A 78 -8.82 -28.26 -4.39
N HIS A 79 -7.53 -28.30 -4.07
CA HIS A 79 -6.89 -29.54 -3.64
C HIS A 79 -7.45 -29.95 -2.28
N LEU A 80 -7.53 -29.00 -1.36
CA LEU A 80 -8.04 -29.28 -0.02
C LEU A 80 -9.50 -29.77 0.01
N LEU A 81 -10.31 -29.29 -0.93
CA LEU A 81 -11.72 -29.68 -0.99
C LEU A 81 -11.90 -30.83 -1.97
N GLU A 82 -10.81 -31.27 -2.56
CA GLU A 82 -10.80 -32.35 -3.54
C GLU A 82 -11.75 -32.14 -4.72
N ILE A 83 -11.77 -30.91 -5.23
CA ILE A 83 -12.56 -30.59 -6.42
C ILE A 83 -11.64 -31.09 -7.52
N THR A 84 -12.14 -32.00 -8.35
CA THR A 84 -11.33 -32.59 -9.40
C THR A 84 -11.64 -32.16 -10.83
N ASN A 85 -12.84 -31.66 -11.06
CA ASN A 85 -13.22 -31.25 -12.40
C ASN A 85 -13.85 -29.87 -12.43
N VAL A 86 -13.11 -28.89 -12.98
CA VAL A 86 -13.60 -27.52 -13.12
C VAL A 86 -12.75 -26.78 -14.11
N THR A 87 -13.33 -25.74 -14.69
CA THR A 87 -12.60 -24.89 -15.62
C THR A 87 -12.62 -23.52 -14.95
N ILE A 88 -11.42 -22.97 -14.74
CA ILE A 88 -11.32 -21.67 -14.14
C ILE A 88 -11.06 -20.65 -15.22
N GLU A 89 -12.12 -19.97 -15.64
CA GLU A 89 -11.97 -18.96 -16.67
C GLU A 89 -11.36 -17.71 -16.05
N VAL A 90 -10.30 -17.21 -16.66
CA VAL A 90 -9.64 -16.02 -16.15
C VAL A 90 -9.69 -14.88 -17.16
N ILE A 91 -10.31 -13.78 -16.77
CA ILE A 91 -10.41 -12.58 -17.60
C ILE A 91 -9.43 -11.62 -16.91
N GLY A 92 -8.18 -11.65 -17.35
CA GLY A 92 -7.13 -10.85 -16.76
C GLY A 92 -5.86 -11.66 -16.90
N ASN A 93 -4.78 -11.23 -16.25
CA ASN A 93 -3.50 -11.93 -16.37
C ASN A 93 -3.02 -12.59 -15.10
N GLU A 94 -3.86 -12.58 -14.07
CA GLU A 94 -3.46 -13.15 -12.79
C GLU A 94 -4.71 -13.45 -11.96
N ILE A 95 -4.57 -14.40 -11.04
CA ILE A 95 -5.67 -14.76 -10.15
C ILE A 95 -5.76 -13.65 -9.10
N PRO A 96 -6.98 -13.16 -8.79
CA PRO A 96 -7.13 -12.10 -7.79
C PRO A 96 -6.53 -12.58 -6.46
N ILE A 97 -5.80 -11.71 -5.77
CA ILE A 97 -5.18 -12.08 -4.52
C ILE A 97 -6.14 -11.99 -3.33
N LEU A 98 -7.18 -11.17 -3.46
CA LEU A 98 -8.17 -10.98 -2.41
C LEU A 98 -7.45 -10.57 -1.12
N ASP A 99 -7.67 -11.25 0.01
CA ASP A 99 -6.99 -10.85 1.23
C ASP A 99 -5.63 -11.52 1.46
N GLY A 100 -5.14 -12.25 0.46
CA GLY A 100 -3.86 -12.92 0.59
C GLY A 100 -3.92 -14.37 1.06
N SER A 101 -5.11 -14.84 1.41
CA SER A 101 -5.29 -16.23 1.87
C SER A 101 -6.27 -16.95 0.94
N GLY A 102 -6.70 -18.15 1.34
CA GLY A 102 -7.64 -18.88 0.52
C GLY A 102 -9.04 -18.85 1.10
N TRP A 103 -9.24 -18.05 2.15
CA TRP A 103 -10.53 -17.98 2.82
C TRP A 103 -11.77 -17.78 1.94
N GLU A 104 -11.81 -16.69 1.18
CA GLU A 104 -12.97 -16.42 0.33
C GLU A 104 -13.22 -17.56 -0.65
N PHE A 105 -12.16 -18.06 -1.29
CA PHE A 105 -12.29 -19.17 -2.23
C PHE A 105 -12.88 -20.39 -1.51
N TYR A 106 -12.29 -20.72 -0.35
CA TYR A 106 -12.70 -21.86 0.46
C TYR A 106 -14.17 -21.83 0.88
N GLU A 107 -14.59 -20.72 1.46
CA GLU A 107 -15.98 -20.59 1.91
C GLU A 107 -17.00 -20.75 0.78
N ALA A 108 -16.73 -20.13 -0.35
CA ALA A 108 -17.63 -20.19 -1.49
C ALA A 108 -17.72 -21.57 -2.15
N ILE A 109 -16.57 -22.16 -2.44
CA ILE A 109 -16.53 -23.47 -3.09
C ILE A 109 -17.04 -24.61 -2.20
N ARG A 110 -16.69 -24.55 -0.92
CA ARG A 110 -17.10 -25.58 0.03
C ARG A 110 -18.62 -25.71 0.12
N LYS A 111 -19.33 -24.60 -0.06
CA LYS A 111 -20.78 -24.58 0.01
C LYS A 111 -21.42 -25.00 -1.31
N ASN A 112 -20.60 -25.19 -2.34
CA ASN A 112 -21.12 -25.54 -3.65
C ASN A 112 -20.52 -26.80 -4.26
N ILE A 113 -20.19 -27.78 -3.42
CA ILE A 113 -19.61 -29.01 -3.91
C ILE A 113 -20.67 -29.94 -4.49
N LEU A 114 -20.32 -30.60 -5.60
CA LEU A 114 -21.22 -31.55 -6.23
C LEU A 114 -20.46 -32.84 -6.47
N ASN A 115 -20.85 -33.91 -5.78
CA ASN A 115 -20.18 -35.19 -5.98
C ASN A 115 -20.56 -35.73 -7.33
N GLN A 116 -19.64 -36.45 -7.96
CA GLN A 116 -19.88 -37.01 -9.27
C GLN A 116 -19.82 -38.54 -9.31
N ASN A 117 -19.93 -39.10 -10.50
CA ASN A 117 -19.96 -40.56 -10.64
C ASN A 117 -18.66 -41.23 -11.06
N ARG A 118 -17.60 -41.01 -10.29
N ARG A 118 -17.60 -41.01 -10.29
CA ARG A 118 -16.31 -41.62 -10.60
CA ARG A 118 -16.31 -41.63 -10.60
C ARG A 118 -15.41 -41.57 -9.38
C ARG A 118 -15.40 -41.56 -9.39
N GLU A 119 -14.69 -42.66 -9.14
CA GLU A 119 -13.77 -42.74 -8.00
C GLU A 119 -12.55 -41.85 -8.33
N ILE A 120 -12.08 -41.07 -7.37
CA ILE A 120 -10.92 -40.22 -7.62
C ILE A 120 -9.70 -41.10 -7.85
N ASP A 121 -8.87 -40.73 -8.82
CA ASP A 121 -7.66 -41.47 -9.08
C ASP A 121 -6.55 -40.63 -8.47
N TYR A 122 -6.24 -40.90 -7.21
CA TYR A 122 -5.22 -40.14 -6.48
C TYR A 122 -3.80 -40.34 -6.95
N PHE A 123 -2.97 -39.31 -6.75
CA PHE A 123 -1.56 -39.44 -7.08
C PHE A 123 -1.01 -39.91 -5.75
N VAL A 124 -0.48 -41.13 -5.73
CA VAL A 124 0.05 -41.71 -4.50
C VAL A 124 1.57 -41.79 -4.49
N VAL A 125 2.20 -41.12 -3.53
CA VAL A 125 3.65 -41.16 -3.39
C VAL A 125 3.99 -42.62 -3.05
N GLU A 126 4.79 -43.26 -3.88
CA GLU A 126 5.13 -44.67 -3.68
C GLU A 126 6.41 -44.97 -2.91
N GLU A 127 7.37 -44.06 -2.96
CA GLU A 127 8.62 -44.24 -2.22
C GLU A 127 9.18 -42.91 -1.76
N PRO A 128 10.06 -42.93 -0.75
CA PRO A 128 10.65 -41.69 -0.25
C PRO A 128 11.44 -40.96 -1.33
N ILE A 129 11.48 -39.64 -1.22
CA ILE A 129 12.22 -38.82 -2.18
C ILE A 129 12.60 -37.52 -1.49
N ILE A 130 13.75 -36.96 -1.87
CA ILE A 130 14.21 -35.72 -1.29
C ILE A 130 14.81 -34.82 -2.37
N VAL A 131 14.42 -33.55 -2.36
CA VAL A 131 14.95 -32.57 -3.30
C VAL A 131 15.54 -31.47 -2.43
N GLU A 132 16.65 -30.90 -2.86
CA GLU A 132 17.30 -29.84 -2.10
C GLU A 132 17.75 -28.71 -2.99
N ASP A 133 18.04 -27.59 -2.37
CA ASP A 133 18.49 -26.41 -3.11
C ASP A 133 18.91 -25.32 -2.14
N GLU A 134 20.21 -25.03 -2.10
CA GLU A 134 20.75 -23.98 -1.25
C GLU A 134 20.23 -24.03 0.18
N GLY A 135 20.42 -25.16 0.86
CA GLY A 135 19.97 -25.26 2.23
C GLY A 135 18.48 -25.57 2.41
N ARG A 136 17.70 -25.39 1.35
CA ARG A 136 16.27 -25.67 1.41
C ARG A 136 16.09 -27.14 1.08
N LEU A 137 15.10 -27.77 1.71
CA LEU A 137 14.87 -29.18 1.46
C LEU A 137 13.42 -29.60 1.61
N ILE A 138 12.99 -30.56 0.80
CA ILE A 138 11.64 -31.07 0.90
C ILE A 138 11.69 -32.58 0.75
N LYS A 139 11.03 -33.26 1.67
CA LYS A 139 10.99 -34.71 1.63
C LYS A 139 9.56 -35.20 1.47
N ALA A 140 9.37 -36.25 0.69
CA ALA A 140 8.05 -36.83 0.47
C ALA A 140 8.16 -38.34 0.69
N GLU A 141 7.11 -38.92 1.25
CA GLU A 141 7.08 -40.35 1.51
C GLU A 141 5.64 -40.85 1.54
N PRO A 142 5.45 -42.17 1.37
CA PRO A 142 4.12 -42.79 1.36
C PRO A 142 3.25 -42.44 2.56
N SER A 143 1.95 -42.31 2.30
CA SER A 143 0.96 -42.00 3.34
C SER A 143 -0.42 -42.16 2.74
N ASP A 144 -1.35 -42.71 3.51
CA ASP A 144 -2.71 -42.92 3.03
C ASP A 144 -3.47 -41.61 2.99
N THR A 145 -2.98 -40.62 3.74
CA THR A 145 -3.62 -39.31 3.80
C THR A 145 -2.61 -38.21 3.50
N LEU A 146 -3.09 -37.05 3.07
CA LEU A 146 -2.20 -35.93 2.78
C LEU A 146 -1.77 -35.28 4.09
N GLU A 147 -0.46 -35.28 4.35
CA GLU A 147 0.08 -34.67 5.56
C GLU A 147 1.22 -33.79 5.13
N VAL A 148 1.19 -32.53 5.57
CA VAL A 148 2.23 -31.59 5.18
C VAL A 148 2.78 -30.78 6.35
N THR A 149 4.09 -30.85 6.54
CA THR A 149 4.74 -30.10 7.60
C THR A 149 5.70 -29.11 6.97
N TYR A 150 5.69 -27.87 7.45
CA TYR A 150 6.61 -26.87 6.94
C TYR A 150 7.39 -26.33 8.11
N GLU A 151 8.70 -26.26 7.96
CA GLU A 151 9.54 -25.72 9.01
C GLU A 151 10.29 -24.54 8.45
N GLY A 152 10.14 -23.39 9.09
CA GLY A 152 10.82 -22.20 8.64
C GLY A 152 11.93 -21.80 9.60
N GLU A 153 12.91 -21.07 9.08
CA GLU A 153 14.03 -20.59 9.88
C GLU A 153 14.22 -19.17 9.37
N PHE A 154 13.48 -18.25 9.98
CA PHE A 154 13.50 -16.85 9.58
C PHE A 154 14.56 -15.99 10.25
N LYS A 155 15.06 -15.03 9.49
CA LYS A 155 16.10 -14.11 9.96
C LYS A 155 15.56 -12.99 10.84
N ASN A 156 14.24 -12.94 11.01
CA ASN A 156 13.67 -11.90 11.85
C ASN A 156 13.15 -12.50 13.16
N PHE A 157 12.26 -11.78 13.85
CA PHE A 157 11.72 -12.25 15.12
C PHE A 157 11.03 -13.61 15.08
N LEU A 158 10.57 -14.04 13.91
CA LEU A 158 9.89 -15.32 13.79
C LEU A 158 10.78 -16.49 14.22
N GLY A 159 12.06 -16.42 13.87
CA GLY A 159 13.00 -17.47 14.22
C GLY A 159 12.63 -18.83 13.62
N ARG A 160 12.73 -19.88 14.44
CA ARG A 160 12.41 -21.23 13.98
C ARG A 160 11.01 -21.62 14.40
N GLN A 161 10.18 -21.92 13.41
CA GLN A 161 8.80 -22.32 13.65
C GLN A 161 8.42 -23.49 12.75
N LYS A 162 7.42 -24.24 13.18
CA LYS A 162 7.01 -25.42 12.45
C LYS A 162 5.51 -25.64 12.58
N PHE A 163 4.88 -26.12 11.52
CA PHE A 163 3.45 -26.38 11.52
C PHE A 163 3.13 -27.61 10.68
N THR A 164 2.23 -28.45 11.18
CA THR A 164 1.82 -29.66 10.49
C THR A 164 0.33 -29.68 10.18
N PHE A 165 0.01 -29.89 8.90
CA PHE A 165 -1.38 -29.99 8.48
C PHE A 165 -1.70 -31.47 8.29
N VAL A 166 -2.89 -31.88 8.72
CA VAL A 166 -3.35 -33.24 8.52
C VAL A 166 -4.79 -33.09 8.04
N GLU A 167 -5.26 -34.03 7.24
CA GLU A 167 -6.62 -33.96 6.73
C GLU A 167 -7.61 -33.68 7.85
N GLY A 168 -8.57 -32.81 7.57
CA GLY A 168 -9.57 -32.46 8.56
C GLY A 168 -9.27 -31.11 9.20
N ASN A 169 -8.02 -30.67 9.10
CA ASN A 169 -7.62 -29.37 9.67
C ASN A 169 -7.46 -28.30 8.59
N GLU A 170 -8.20 -28.44 7.51
CA GLU A 170 -8.13 -27.49 6.40
C GLU A 170 -8.31 -26.04 6.84
N GLU A 171 -9.25 -25.80 7.74
CA GLU A 171 -9.52 -24.44 8.20
C GLU A 171 -8.38 -23.79 8.97
N GLU A 172 -7.38 -24.57 9.39
CA GLU A 172 -6.26 -23.99 10.11
C GLU A 172 -5.26 -23.32 9.17
N ILE A 173 -5.35 -23.61 7.87
CA ILE A 173 -4.42 -23.02 6.92
C ILE A 173 -5.00 -22.14 5.81
N VAL A 174 -6.31 -22.22 5.59
CA VAL A 174 -6.91 -21.41 4.53
C VAL A 174 -7.05 -19.93 4.89
N LEU A 175 -6.83 -19.59 6.15
CA LEU A 175 -6.92 -18.20 6.58
C LEU A 175 -5.55 -17.53 6.66
N ALA A 176 -4.48 -18.32 6.55
CA ALA A 176 -3.13 -17.80 6.62
C ALA A 176 -2.81 -16.99 5.36
N ARG A 177 -2.42 -15.73 5.55
N ARG A 177 -2.44 -15.73 5.55
CA ARG A 177 -2.12 -14.83 4.45
CA ARG A 177 -2.13 -14.81 4.46
C ARG A 177 -0.69 -14.88 3.95
C ARG A 177 -0.69 -14.84 3.96
N THR A 178 -0.52 -14.49 2.68
CA THR A 178 0.79 -14.44 2.06
C THR A 178 1.55 -13.35 2.81
N PHE A 179 2.87 -13.46 2.87
CA PHE A 179 3.67 -12.49 3.59
C PHE A 179 4.96 -12.17 2.86
N ALA A 180 5.56 -11.05 3.22
CA ALA A 180 6.82 -10.61 2.64
C ALA A 180 7.57 -9.82 3.70
N PHE A 181 8.89 -9.81 3.60
CA PHE A 181 9.70 -9.06 4.54
C PHE A 181 10.02 -7.71 3.91
N ASP A 182 10.10 -6.66 4.72
CA ASP A 182 10.36 -5.34 4.16
C ASP A 182 11.63 -5.27 3.33
N TRP A 183 12.64 -6.07 3.68
CA TRP A 183 13.89 -6.04 2.93
C TRP A 183 13.84 -6.68 1.54
N GLU A 184 12.73 -7.31 1.19
CA GLU A 184 12.64 -7.91 -0.14
C GLU A 184 11.71 -7.14 -1.07
N ILE A 185 11.02 -6.14 -0.53
CA ILE A 185 10.09 -5.34 -1.32
C ILE A 185 10.77 -4.62 -2.49
N GLU A 186 11.93 -4.03 -2.24
N GLU A 186 11.95 -4.06 -2.22
CA GLU A 186 12.64 -3.32 -3.31
CA GLU A 186 12.73 -3.34 -3.23
C GLU A 186 12.93 -4.22 -4.50
C GLU A 186 12.97 -4.19 -4.46
N HIS A 187 13.43 -5.42 -4.23
CA HIS A 187 13.71 -6.37 -5.30
C HIS A 187 12.45 -6.75 -6.09
N ILE A 188 11.39 -7.08 -5.37
CA ILE A 188 10.14 -7.47 -6.02
C ILE A 188 9.61 -6.37 -6.93
N LYS A 189 9.67 -5.13 -6.48
CA LYS A 189 9.20 -4.01 -7.29
C LYS A 189 10.12 -3.79 -8.51
N LYS A 190 11.41 -3.99 -8.30
N LYS A 190 11.42 -3.98 -8.32
CA LYS A 190 12.43 -3.80 -9.33
CA LYS A 190 12.37 -3.75 -9.41
C LYS A 190 12.30 -4.77 -10.52
C LYS A 190 12.24 -4.76 -10.55
N VAL A 191 11.88 -6.01 -10.25
CA VAL A 191 11.72 -7.00 -11.30
C VAL A 191 10.35 -6.95 -11.95
N GLY A 192 9.63 -5.85 -11.74
CA GLY A 192 8.31 -5.67 -12.33
C GLY A 192 7.15 -6.38 -11.65
N LEU A 193 7.34 -6.81 -10.40
CA LEU A 193 6.30 -7.52 -9.68
C LEU A 193 5.74 -6.76 -8.47
N GLY A 194 4.86 -7.43 -7.72
CA GLY A 194 4.26 -6.85 -6.54
C GLY A 194 3.53 -5.52 -6.71
N LYS A 195 3.10 -5.24 -7.93
CA LYS A 195 2.41 -3.97 -8.20
C LYS A 195 1.07 -3.80 -7.51
N GLY A 196 0.44 -4.90 -7.11
CA GLY A 196 -0.84 -4.79 -6.45
C GLY A 196 -0.77 -5.06 -4.95
N GLY A 197 0.44 -5.24 -4.44
CA GLY A 197 0.62 -5.53 -3.03
C GLY A 197 0.27 -4.37 -2.12
N SER A 198 -0.31 -4.68 -0.97
CA SER A 198 -0.68 -3.67 0.03
C SER A 198 -0.84 -4.38 1.36
N LEU A 199 -1.02 -3.62 2.43
CA LEU A 199 -1.20 -4.21 3.75
C LEU A 199 -2.56 -4.89 3.85
N LYS A 200 -3.39 -4.71 2.82
CA LYS A 200 -4.71 -5.34 2.82
C LYS A 200 -4.65 -6.76 2.26
N ASN A 201 -3.60 -7.06 1.51
CA ASN A 201 -3.48 -8.40 0.94
C ASN A 201 -2.16 -9.08 1.23
N THR A 202 -1.29 -8.38 1.96
CA THR A 202 0.01 -8.92 2.29
C THR A 202 0.42 -8.63 3.73
N LEU A 203 0.94 -9.64 4.40
CA LEU A 203 1.43 -9.48 5.77
C LEU A 203 2.87 -9.02 5.58
N VAL A 204 3.18 -7.78 5.95
CA VAL A 204 4.55 -7.29 5.78
C VAL A 204 5.29 -7.28 7.12
N LEU A 205 6.42 -7.98 7.15
CA LEU A 205 7.19 -8.10 8.39
C LEU A 205 8.57 -7.46 8.31
N GLY A 206 9.01 -6.92 9.44
CA GLY A 206 10.33 -6.31 9.51
C GLY A 206 11.19 -7.19 10.40
N LYS A 207 12.45 -6.81 10.60
CA LYS A 207 13.35 -7.60 11.44
C LYS A 207 12.73 -7.88 12.81
N ASP A 208 11.97 -6.91 13.32
CA ASP A 208 11.36 -7.09 14.64
C ASP A 208 9.99 -6.45 14.72
N LYS A 209 9.32 -6.27 13.58
CA LYS A 209 8.01 -5.64 13.60
C LYS A 209 7.02 -6.20 12.57
N VAL A 210 5.74 -5.98 12.85
CA VAL A 210 4.66 -6.38 11.96
C VAL A 210 3.98 -5.08 11.56
N TYR A 211 4.08 -4.70 10.29
CA TYR A 211 3.49 -3.44 9.84
C TYR A 211 1.97 -3.42 9.84
N ASN A 212 1.35 -4.54 9.50
CA ASN A 212 -0.11 -4.59 9.48
C ASN A 212 -0.65 -4.27 10.87
N PRO A 213 -1.52 -3.25 10.97
CA PRO A 213 -2.07 -2.91 12.28
C PRO A 213 -2.86 -4.05 12.93
N GLU A 214 -3.45 -4.92 12.11
CA GLU A 214 -4.22 -6.04 12.64
C GLU A 214 -3.33 -7.15 13.19
N GLY A 215 -2.03 -7.04 12.97
CA GLY A 215 -1.10 -8.05 13.45
C GLY A 215 -1.21 -9.40 12.75
N LEU A 216 -0.67 -10.44 13.37
CA LEU A 216 -0.72 -11.79 12.79
C LEU A 216 -2.00 -12.52 13.23
N ARG A 217 -2.57 -13.31 12.32
CA ARG A 217 -3.77 -14.08 12.64
C ARG A 217 -3.39 -15.25 13.57
N TYR A 218 -2.13 -15.68 13.48
CA TYR A 218 -1.59 -16.76 14.32
C TYR A 218 -0.10 -16.44 14.50
N GLU A 219 0.48 -16.80 15.65
CA GLU A 219 1.89 -16.52 15.86
C GLU A 219 2.73 -17.20 14.78
N ASN A 220 2.20 -18.25 14.19
CA ASN A 220 2.93 -18.96 13.14
C ASN A 220 2.21 -18.86 11.80
N GLU A 221 1.48 -17.77 11.59
CA GLU A 221 0.74 -17.57 10.35
C GLU A 221 1.64 -17.76 9.12
N PRO A 222 2.87 -17.24 9.15
CA PRO A 222 3.75 -17.41 7.99
C PRO A 222 4.01 -18.87 7.60
N VAL A 223 4.28 -19.75 8.57
CA VAL A 223 4.53 -21.14 8.20
C VAL A 223 3.24 -21.84 7.79
N ARG A 224 2.11 -21.42 8.34
CA ARG A 224 0.84 -22.03 7.94
C ARG A 224 0.60 -21.68 6.48
N HIS A 225 0.96 -20.46 6.09
CA HIS A 225 0.75 -20.05 4.70
C HIS A 225 1.65 -20.84 3.77
N LYS A 226 2.87 -21.13 4.21
CA LYS A 226 3.80 -21.90 3.38
C LYS A 226 3.27 -23.32 3.18
N VAL A 227 2.60 -23.87 4.19
CA VAL A 227 2.00 -25.20 4.06
C VAL A 227 0.89 -25.10 3.01
N PHE A 228 0.11 -24.02 3.09
CA PHE A 228 -0.98 -23.76 2.17
C PHE A 228 -0.44 -23.67 0.74
N ASP A 229 0.69 -22.99 0.56
CA ASP A 229 1.31 -22.86 -0.77
C ASP A 229 1.74 -24.21 -1.34
N LEU A 230 2.42 -25.02 -0.53
CA LEU A 230 2.90 -26.31 -0.97
C LEU A 230 1.74 -27.21 -1.43
N ILE A 231 0.65 -27.17 -0.68
CA ILE A 231 -0.50 -27.98 -1.05
C ILE A 231 -1.06 -27.51 -2.41
N GLY A 232 -0.95 -26.21 -2.67
CA GLY A 232 -1.42 -25.72 -3.96
C GLY A 232 -0.50 -26.19 -5.06
N ASP A 233 0.81 -26.10 -4.83
CA ASP A 233 1.77 -26.53 -5.84
C ASP A 233 1.72 -28.03 -6.08
N LEU A 234 1.43 -28.79 -5.03
CA LEU A 234 1.34 -30.24 -5.14
C LEU A 234 0.21 -30.65 -6.08
N TYR A 235 -0.82 -29.83 -6.20
CA TYR A 235 -1.94 -30.17 -7.06
C TYR A 235 -1.53 -30.15 -8.54
N LEU A 236 -0.35 -29.61 -8.83
CA LEU A 236 0.15 -29.58 -10.21
C LEU A 236 0.52 -30.98 -10.67
N LEU A 237 0.39 -31.96 -9.77
CA LEU A 237 0.66 -33.36 -10.11
C LEU A 237 -0.49 -33.91 -10.95
N GLY A 238 -1.61 -33.19 -10.97
CA GLY A 238 -2.74 -33.62 -11.79
C GLY A 238 -3.95 -34.22 -11.12
N SER A 239 -3.84 -34.55 -9.85
CA SER A 239 -4.97 -35.11 -9.10
C SER A 239 -4.67 -35.03 -7.62
N PRO A 240 -5.69 -35.20 -6.76
CA PRO A 240 -5.48 -35.12 -5.32
C PRO A 240 -4.31 -36.02 -4.92
N VAL A 241 -3.46 -35.51 -4.03
CA VAL A 241 -2.26 -36.22 -3.62
C VAL A 241 -2.33 -36.88 -2.25
N LYS A 242 -1.78 -38.10 -2.17
CA LYS A 242 -1.72 -38.83 -0.92
C LYS A 242 -0.25 -39.06 -0.63
N GLY A 243 0.25 -38.44 0.42
CA GLY A 243 1.64 -38.57 0.80
C GLY A 243 1.93 -37.72 2.02
N LYS A 244 3.09 -37.96 2.63
CA LYS A 244 3.53 -37.22 3.82
C LYS A 244 4.70 -36.36 3.38
N PHE A 245 4.59 -35.06 3.55
CA PHE A 245 5.63 -34.13 3.11
C PHE A 245 6.24 -33.30 4.22
N TYR A 246 7.55 -33.06 4.12
CA TYR A 246 8.26 -32.24 5.08
C TYR A 246 9.09 -31.23 4.30
N SER A 247 8.78 -29.96 4.46
CA SER A 247 9.51 -28.91 3.75
C SER A 247 10.26 -28.02 4.71
N PHE A 248 11.57 -27.91 4.51
CA PHE A 248 12.39 -27.05 5.34
C PHE A 248 12.80 -25.86 4.49
N ARG A 249 12.21 -24.70 4.77
CA ARG A 249 12.49 -23.47 4.05
C ARG A 249 12.16 -23.53 2.57
N GLY A 250 11.24 -24.42 2.19
CA GLY A 250 10.89 -24.54 0.78
C GLY A 250 10.11 -23.36 0.23
N GLY A 251 10.03 -23.28 -1.09
CA GLY A 251 9.30 -22.20 -1.75
C GLY A 251 8.73 -22.77 -3.04
N HIS A 252 8.00 -21.95 -3.81
CA HIS A 252 7.40 -22.41 -5.06
C HIS A 252 8.40 -23.10 -5.98
N SER A 253 9.61 -22.57 -6.09
CA SER A 253 10.61 -23.17 -6.97
C SER A 253 10.95 -24.60 -6.54
N LEU A 254 11.23 -24.79 -5.25
CA LEU A 254 11.57 -26.12 -4.77
C LEU A 254 10.33 -27.03 -4.80
N ASN A 255 9.15 -26.46 -4.57
CA ASN A 255 7.92 -27.25 -4.59
C ASN A 255 7.71 -27.84 -5.99
N VAL A 256 7.84 -26.99 -7.01
CA VAL A 256 7.67 -27.46 -8.37
C VAL A 256 8.76 -28.46 -8.75
N LYS A 257 9.98 -28.23 -8.26
CA LYS A 257 11.08 -29.14 -8.54
C LYS A 257 10.71 -30.53 -8.03
N LEU A 258 10.13 -30.59 -6.83
CA LEU A 258 9.71 -31.85 -6.22
C LEU A 258 8.59 -32.49 -7.05
N VAL A 259 7.59 -31.69 -7.40
CA VAL A 259 6.48 -32.17 -8.19
C VAL A 259 6.99 -32.83 -9.48
N LYS A 260 7.90 -32.15 -10.18
CA LYS A 260 8.43 -32.70 -11.43
C LYS A 260 9.20 -34.00 -11.23
N GLU A 261 9.93 -34.12 -10.12
CA GLU A 261 10.67 -35.35 -9.86
C GLU A 261 9.71 -36.48 -9.49
N LEU A 262 8.68 -36.17 -8.72
CA LEU A 262 7.69 -37.19 -8.34
C LEU A 262 6.97 -37.68 -9.58
N ALA A 263 6.67 -36.77 -10.50
CA ALA A 263 5.97 -37.11 -11.73
C ALA A 263 6.84 -38.01 -12.63
N LYS A 264 8.12 -37.67 -12.73
CA LYS A 264 9.06 -38.45 -13.55
C LYS A 264 9.08 -39.90 -13.08
N LYS A 265 9.21 -40.08 -11.78
CA LYS A 265 9.24 -41.42 -11.20
C LYS A 265 7.88 -42.06 -11.35
N GLN A 266 7.01 -41.42 -12.15
CA GLN A 266 5.66 -41.94 -12.38
C GLN A 266 5.13 -42.54 -11.09
N LYS A 267 5.51 -41.93 -9.98
CA LYS A 267 5.13 -42.38 -8.65
C LYS A 267 3.65 -42.09 -8.35
N GLY B 1 1.76 42.76 -4.28
CA GLY B 1 0.88 42.24 -5.38
C GLY B 1 -0.58 42.47 -5.06
N LEU B 2 -1.45 42.19 -6.02
CA LEU B 2 -2.88 42.37 -5.82
C LEU B 2 -3.52 41.09 -5.31
N GLU B 3 -4.66 41.23 -4.64
CA GLU B 3 -5.35 40.05 -4.14
C GLU B 3 -5.75 39.20 -5.34
N LYS B 4 -5.91 37.91 -5.13
CA LYS B 4 -6.28 37.02 -6.21
C LYS B 4 -7.25 35.94 -5.77
N THR B 5 -8.03 35.46 -6.74
CA THR B 5 -8.98 34.39 -6.51
C THR B 5 -8.87 33.52 -7.75
N VAL B 6 -9.77 32.56 -7.92
CA VAL B 6 -9.71 31.70 -9.10
C VAL B 6 -10.72 32.16 -10.16
N LYS B 7 -10.40 31.92 -11.43
CA LYS B 7 -11.24 32.30 -12.56
C LYS B 7 -12.56 31.58 -12.56
N GLU B 8 -12.51 30.27 -12.27
CA GLU B 8 -13.68 29.42 -12.21
C GLU B 8 -13.42 28.39 -11.13
N LYS B 9 -14.48 27.74 -10.65
CA LYS B 9 -14.30 26.76 -9.59
C LYS B 9 -13.43 25.61 -10.06
N LEU B 10 -12.58 25.12 -9.15
CA LEU B 10 -11.67 24.01 -9.45
C LEU B 10 -11.92 22.90 -8.46
N SER B 11 -11.95 21.67 -8.92
CA SER B 11 -12.18 20.56 -8.00
C SER B 11 -11.08 19.52 -8.07
N PHE B 12 -10.93 18.80 -6.97
CA PHE B 12 -9.94 17.74 -6.86
C PHE B 12 -10.56 16.67 -5.98
N GLU B 13 -10.20 15.42 -6.21
CA GLU B 13 -10.73 14.33 -5.39
C GLU B 13 -9.74 13.19 -5.26
N GLY B 14 -9.93 12.39 -4.23
CA GLY B 14 -9.05 11.27 -3.97
C GLY B 14 -9.13 10.85 -2.53
N VAL B 15 -8.30 9.89 -2.16
CA VAL B 15 -8.30 9.38 -0.80
C VAL B 15 -7.54 10.32 0.14
N GLY B 16 -7.91 10.28 1.41
CA GLY B 16 -7.24 11.08 2.42
C GLY B 16 -6.13 10.18 2.95
N ILE B 17 -4.92 10.70 3.09
CA ILE B 17 -3.82 9.87 3.57
C ILE B 17 -4.04 9.27 4.95
N HIS B 18 -4.74 10.00 5.82
CA HIS B 18 -4.98 9.49 7.17
C HIS B 18 -6.29 8.72 7.38
N THR B 19 -7.39 9.24 6.83
CA THR B 19 -8.69 8.59 6.99
C THR B 19 -8.86 7.39 6.06
N GLY B 20 -8.18 7.44 4.92
CA GLY B 20 -8.31 6.35 3.96
C GLY B 20 -9.65 6.44 3.27
N GLU B 21 -10.36 7.54 3.48
CA GLU B 21 -11.67 7.77 2.89
C GLU B 21 -11.58 8.66 1.66
N TYR B 22 -12.56 8.54 0.78
CA TYR B 22 -12.60 9.37 -0.41
C TYR B 22 -13.07 10.76 0.00
N SER B 23 -12.47 11.79 -0.59
CA SER B 23 -12.88 13.15 -0.29
C SER B 23 -12.72 14.01 -1.53
N LYS B 24 -13.44 15.12 -1.57
CA LYS B 24 -13.39 16.01 -2.72
C LYS B 24 -13.34 17.47 -2.27
N LEU B 25 -12.61 18.27 -3.03
CA LEU B 25 -12.48 19.69 -2.77
C LEU B 25 -13.06 20.45 -3.94
N ILE B 26 -13.78 21.53 -3.67
CA ILE B 26 -14.29 22.38 -4.73
C ILE B 26 -13.91 23.79 -4.31
N ILE B 27 -12.98 24.39 -5.04
CA ILE B 27 -12.52 25.73 -4.73
C ILE B 27 -13.32 26.77 -5.49
N HIS B 28 -14.07 27.58 -4.75
CA HIS B 28 -14.90 28.62 -5.34
C HIS B 28 -14.31 30.02 -5.16
N PRO B 29 -14.50 30.88 -6.15
CA PRO B 29 -13.99 32.26 -6.14
C PRO B 29 -14.70 33.05 -5.04
N GLU B 30 -14.01 34.04 -4.50
CA GLU B 30 -14.58 34.90 -3.46
C GLU B 30 -14.09 36.33 -3.74
N LYS B 31 -14.88 37.31 -3.32
CA LYS B 31 -14.54 38.71 -3.54
C LYS B 31 -13.40 39.20 -2.64
N GLU B 32 -12.90 40.39 -2.95
CA GLU B 32 -11.81 41.00 -2.18
C GLU B 32 -12.09 41.02 -0.69
N GLY B 33 -11.03 40.86 0.10
CA GLY B 33 -11.16 40.89 1.55
C GLY B 33 -11.78 39.68 2.22
N THR B 34 -12.13 38.66 1.45
CA THR B 34 -12.74 37.46 2.03
C THR B 34 -11.76 36.58 2.79
N GLY B 35 -10.57 36.39 2.23
CA GLY B 35 -9.58 35.55 2.88
C GLY B 35 -9.79 34.09 2.46
N ILE B 36 -8.96 33.21 2.99
CA ILE B 36 -9.03 31.78 2.67
C ILE B 36 -9.84 31.05 3.77
N ARG B 37 -10.91 30.38 3.37
CA ARG B 37 -11.75 29.65 4.32
C ARG B 37 -12.25 28.33 3.75
N PHE B 38 -12.40 27.34 4.62
CA PHE B 38 -12.91 26.05 4.20
C PHE B 38 -14.39 26.03 4.52
N PHE B 39 -15.13 25.15 3.85
CA PHE B 39 -16.55 25.02 4.09
C PHE B 39 -16.87 23.54 4.20
N LYS B 40 -17.43 23.13 5.32
CA LYS B 40 -17.79 21.73 5.52
C LYS B 40 -19.09 21.59 6.29
N ASN B 41 -20.01 20.80 5.77
CA ASN B 41 -21.30 20.58 6.40
C ASN B 41 -21.93 21.85 6.94
N GLY B 42 -21.97 22.89 6.11
CA GLY B 42 -22.57 24.15 6.52
C GLY B 42 -21.75 25.06 7.41
N VAL B 43 -20.53 24.68 7.74
CA VAL B 43 -19.70 25.50 8.62
C VAL B 43 -18.46 26.05 7.93
N TYR B 44 -18.17 27.33 8.14
CA TYR B 44 -16.99 27.95 7.56
C TYR B 44 -15.85 27.86 8.55
N ILE B 45 -14.71 27.34 8.10
CA ILE B 45 -13.55 27.23 8.96
C ILE B 45 -12.45 28.05 8.32
N PRO B 46 -12.13 29.21 8.91
CA PRO B 46 -11.08 30.06 8.35
C PRO B 46 -9.73 29.34 8.37
N ALA B 47 -8.89 29.59 7.38
CA ALA B 47 -7.56 28.99 7.32
C ALA B 47 -6.68 29.86 8.21
N ARG B 48 -6.94 29.81 9.52
CA ARG B 48 -6.20 30.61 10.50
C ARG B 48 -5.78 29.75 11.68
N HIS B 49 -4.66 30.12 12.30
CA HIS B 49 -4.10 29.37 13.43
C HIS B 49 -5.06 29.15 14.60
N GLU B 50 -6.02 30.06 14.78
CA GLU B 50 -6.96 29.90 15.89
C GLU B 50 -7.81 28.65 15.75
N PHE B 51 -7.90 28.11 14.53
CA PHE B 51 -8.71 26.92 14.30
C PHE B 51 -7.96 25.60 14.21
N VAL B 52 -6.65 25.63 14.49
CA VAL B 52 -5.87 24.40 14.46
C VAL B 52 -6.28 23.54 15.65
N VAL B 53 -6.51 22.25 15.42
CA VAL B 53 -6.92 21.35 16.49
C VAL B 53 -6.00 20.14 16.65
N HIS B 54 -5.10 19.94 15.69
CA HIS B 54 -4.19 18.79 15.72
C HIS B 54 -2.99 19.10 14.82
N THR B 55 -1.79 18.70 15.25
CA THR B 55 -0.58 18.95 14.46
C THR B 55 0.44 17.80 14.45
N ASN B 56 0.14 16.69 15.12
CA ASN B 56 1.10 15.60 15.18
C ASN B 56 1.51 14.94 13.86
N HIS B 57 0.54 14.55 13.05
CA HIS B 57 0.88 13.90 11.78
C HIS B 57 0.24 14.59 10.57
N SER B 58 -0.15 15.85 10.78
CA SER B 58 -0.76 16.67 9.74
C SER B 58 -1.27 17.91 10.47
N THR B 59 -1.65 18.92 9.70
CA THR B 59 -2.18 20.14 10.29
C THR B 59 -3.69 20.07 10.06
N ASP B 60 -4.44 19.98 11.16
CA ASP B 60 -5.90 19.87 11.05
C ASP B 60 -6.60 21.08 11.64
N LEU B 61 -7.70 21.47 11.01
CA LEU B 61 -8.48 22.61 11.44
C LEU B 61 -9.88 22.18 11.88
N GLY B 62 -10.51 22.98 12.71
CA GLY B 62 -11.85 22.63 13.16
C GLY B 62 -12.59 23.83 13.74
N PHE B 63 -13.92 23.75 13.69
CA PHE B 63 -14.76 24.81 14.24
C PHE B 63 -16.19 24.30 14.34
N LYS B 64 -16.84 24.62 15.46
CA LYS B 64 -18.23 24.23 15.71
C LYS B 64 -18.57 22.77 15.45
N GLY B 65 -17.66 21.87 15.83
CA GLY B 65 -17.93 20.45 15.64
C GLY B 65 -17.56 19.87 14.29
N GLN B 66 -17.04 20.71 13.38
CA GLN B 66 -16.62 20.23 12.07
C GLN B 66 -15.10 20.28 12.00
N ARG B 67 -14.48 19.20 11.52
N ARG B 67 -14.50 19.21 11.50
CA ARG B 67 -13.03 19.13 11.42
CA ARG B 67 -13.04 19.12 11.41
C ARG B 67 -12.56 18.73 10.02
C ARG B 67 -12.57 18.73 10.01
N ILE B 68 -11.42 19.27 9.61
CA ILE B 68 -10.85 18.96 8.30
C ILE B 68 -9.36 18.67 8.52
N LYS B 69 -8.93 17.46 8.15
CA LYS B 69 -7.53 17.07 8.32
C LYS B 69 -6.64 17.36 7.12
N THR B 70 -5.35 17.50 7.40
CA THR B 70 -4.32 17.66 6.38
C THR B 70 -4.49 18.83 5.40
N VAL B 71 -4.53 20.04 5.92
CA VAL B 71 -4.68 21.23 5.07
C VAL B 71 -3.34 21.82 4.64
N GLU B 72 -2.24 21.30 5.15
CA GLU B 72 -0.93 21.88 4.83
C GLU B 72 -0.53 22.02 3.36
N HIS B 73 -0.86 21.05 2.52
CA HIS B 73 -0.45 21.12 1.11
C HIS B 73 -1.28 22.08 0.25
N ILE B 74 -2.60 22.02 0.39
CA ILE B 74 -3.42 22.94 -0.39
C ILE B 74 -3.13 24.38 0.06
N LEU B 75 -2.93 24.58 1.36
CA LEU B 75 -2.64 25.93 1.85
C LEU B 75 -1.27 26.43 1.39
N SER B 76 -0.31 25.52 1.28
CA SER B 76 1.02 25.94 0.83
C SER B 76 0.97 26.41 -0.63
N VAL B 77 0.25 25.67 -1.47
CA VAL B 77 0.11 26.05 -2.88
C VAL B 77 -0.61 27.41 -3.01
N LEU B 78 -1.65 27.61 -2.21
CA LEU B 78 -2.38 28.88 -2.25
C LEU B 78 -1.46 30.01 -1.79
N HIS B 79 -0.61 29.72 -0.80
CA HIS B 79 0.31 30.72 -0.29
C HIS B 79 1.34 31.08 -1.37
N LEU B 80 1.91 30.07 -2.01
CA LEU B 80 2.90 30.26 -3.06
C LEU B 80 2.38 31.03 -4.28
N LEU B 81 1.11 30.85 -4.60
CA LEU B 81 0.51 31.54 -5.74
C LEU B 81 -0.18 32.84 -5.30
N GLU B 82 -0.10 33.11 -4.00
CA GLU B 82 -0.71 34.28 -3.41
C GLU B 82 -2.21 34.45 -3.69
N ILE B 83 -2.93 33.33 -3.65
CA ILE B 83 -4.38 33.34 -3.82
C ILE B 83 -4.84 33.77 -2.43
N THR B 84 -5.61 34.86 -2.36
CA THR B 84 -6.04 35.40 -1.08
C THR B 84 -7.51 35.26 -0.74
N ASN B 85 -8.35 35.05 -1.75
CA ASN B 85 -9.78 34.93 -1.50
C ASN B 85 -10.43 33.74 -2.20
N VAL B 86 -10.74 32.71 -1.43
CA VAL B 86 -11.42 31.52 -1.97
C VAL B 86 -12.10 30.77 -0.83
N THR B 87 -13.06 29.94 -1.21
CA THR B 87 -13.76 29.09 -0.26
C THR B 87 -13.49 27.68 -0.74
N ILE B 88 -12.92 26.87 0.13
CA ILE B 88 -12.62 25.49 -0.23
C ILE B 88 -13.71 24.60 0.37
N GLU B 89 -14.70 24.24 -0.44
CA GLU B 89 -15.76 23.36 0.01
C GLU B 89 -15.16 21.96 0.12
N VAL B 90 -15.38 21.30 1.24
CA VAL B 90 -14.82 19.97 1.44
C VAL B 90 -15.90 18.92 1.64
N ILE B 91 -15.82 17.88 0.82
CA ILE B 91 -16.71 16.74 0.90
C ILE B 91 -15.80 15.68 1.52
N GLY B 92 -16.07 15.32 2.76
CA GLY B 92 -15.23 14.35 3.41
C GLY B 92 -14.61 14.98 4.65
N ASN B 93 -13.70 14.25 5.26
CA ASN B 93 -13.09 14.72 6.50
C ASN B 93 -11.63 15.10 6.40
N GLU B 94 -11.11 15.12 5.18
CA GLU B 94 -9.70 15.43 4.98
C GLU B 94 -9.45 15.86 3.54
N ILE B 95 -8.40 16.64 3.33
CA ILE B 95 -8.04 17.09 1.99
C ILE B 95 -7.41 15.87 1.30
N PRO B 96 -7.77 15.61 0.02
CA PRO B 96 -7.20 14.46 -0.71
C PRO B 96 -5.68 14.63 -0.76
N ILE B 97 -4.95 13.54 -0.57
CA ILE B 97 -3.49 13.61 -0.58
C ILE B 97 -2.90 13.61 -1.99
N LEU B 98 -3.64 13.03 -2.93
CA LEU B 98 -3.21 12.91 -4.32
C LEU B 98 -1.86 12.17 -4.35
N ASP B 99 -0.82 12.75 -4.96
CA ASP B 99 0.46 12.05 -5.02
C ASP B 99 1.40 12.38 -3.86
N GLY B 100 0.89 13.11 -2.87
CA GLY B 100 1.72 13.47 -1.73
C GLY B 100 2.41 14.81 -1.81
N SER B 101 2.32 15.47 -2.97
CA SER B 101 2.94 16.79 -3.16
C SER B 101 1.85 17.81 -3.49
N GLY B 102 2.27 19.00 -3.91
CA GLY B 102 1.30 20.02 -4.26
C GLY B 102 1.20 20.22 -5.78
N TRP B 103 1.83 19.33 -6.54
CA TRP B 103 1.84 19.44 -7.99
C TRP B 103 0.50 19.64 -8.68
N GLU B 104 -0.42 18.70 -8.49
CA GLU B 104 -1.72 18.79 -9.13
C GLU B 104 -2.44 20.09 -8.75
N PHE B 105 -2.42 20.43 -7.46
CA PHE B 105 -3.05 21.66 -6.99
C PHE B 105 -2.41 22.86 -7.69
N TYR B 106 -1.08 22.89 -7.68
CA TYR B 106 -0.31 23.98 -8.28
C TYR B 106 -0.59 24.20 -9.76
N GLU B 107 -0.52 23.14 -10.56
CA GLU B 107 -0.76 23.26 -11.99
C GLU B 107 -2.14 23.78 -12.34
N ALA B 108 -3.15 23.24 -11.68
CA ALA B 108 -4.53 23.64 -11.93
C ALA B 108 -4.80 25.08 -11.51
N ILE B 109 -4.41 25.43 -10.30
CA ILE B 109 -4.65 26.77 -9.78
C ILE B 109 -3.86 27.87 -10.49
N ARG B 110 -2.60 27.59 -10.80
CA ARG B 110 -1.73 28.56 -11.47
C ARG B 110 -2.33 29.01 -12.80
N LYS B 111 -3.05 28.11 -13.47
CA LYS B 111 -3.66 28.40 -14.76
C LYS B 111 -5.04 29.06 -14.65
N ASN B 112 -5.51 29.28 -13.43
CA ASN B 112 -6.83 29.89 -13.23
C ASN B 112 -6.83 31.05 -12.26
N ILE B 113 -5.75 31.80 -12.24
CA ILE B 113 -5.64 32.94 -11.34
C ILE B 113 -6.41 34.14 -11.89
N LEU B 114 -7.06 34.87 -10.99
CA LEU B 114 -7.81 36.07 -11.36
C LEU B 114 -7.41 37.19 -10.42
N ASN B 115 -6.73 38.21 -10.94
CA ASN B 115 -6.33 39.33 -10.09
C ASN B 115 -7.57 40.12 -9.72
N GLN B 116 -7.55 40.70 -8.53
CA GLN B 116 -8.69 41.48 -8.06
C GLN B 116 -8.34 42.94 -7.82
N ASN B 117 -9.30 43.71 -7.31
CA ASN B 117 -9.10 45.15 -7.10
C ASN B 117 -8.70 45.57 -5.71
N ARG B 118 -7.50 45.20 -5.30
CA ARG B 118 -6.99 45.55 -3.99
C ARG B 118 -5.59 45.00 -3.77
N GLU B 119 -4.73 45.80 -3.19
CA GLU B 119 -3.38 45.35 -2.91
C GLU B 119 -3.42 44.44 -1.68
N ILE B 120 -2.61 43.40 -1.72
CA ILE B 120 -2.54 42.45 -0.63
C ILE B 120 -1.99 43.08 0.63
N ASP B 121 -2.57 42.72 1.78
CA ASP B 121 -2.11 43.24 3.06
C ASP B 121 -1.28 42.10 3.65
N TYR B 122 0.01 42.09 3.32
CA TYR B 122 0.91 41.05 3.78
C TYR B 122 1.17 41.01 5.28
N PHE B 123 1.48 39.81 5.79
CA PHE B 123 1.83 39.68 7.19
C PHE B 123 3.34 39.83 7.11
N VAL B 124 3.86 40.89 7.71
CA VAL B 124 5.28 41.17 7.67
C VAL B 124 5.97 40.91 9.00
N VAL B 125 6.95 40.01 8.99
CA VAL B 125 7.70 39.73 10.21
C VAL B 125 8.46 41.02 10.53
N GLU B 126 8.22 41.55 11.72
CA GLU B 126 8.84 42.81 12.13
C GLU B 126 10.19 42.69 12.83
N GLU B 127 10.34 41.69 13.68
CA GLU B 127 11.59 41.50 14.39
C GLU B 127 11.95 40.03 14.49
N PRO B 128 13.21 39.73 14.79
CA PRO B 128 13.65 38.34 14.91
C PRO B 128 12.89 37.61 16.01
N ILE B 129 12.73 36.30 15.84
CA ILE B 129 12.03 35.49 16.83
C ILE B 129 12.51 34.05 16.68
N ILE B 130 12.56 33.32 17.79
CA ILE B 130 13.00 31.95 17.77
C ILE B 130 12.12 31.10 18.68
N VAL B 131 11.69 29.95 18.17
CA VAL B 131 10.89 29.01 18.96
C VAL B 131 11.66 27.70 18.91
N GLU B 132 11.66 26.98 20.04
CA GLU B 132 12.38 25.72 20.10
C GLU B 132 11.55 24.64 20.77
N ASP B 133 11.98 23.40 20.60
CA ASP B 133 11.29 22.27 21.19
C ASP B 133 12.07 20.99 20.95
N GLU B 134 12.61 20.43 22.04
CA GLU B 134 13.37 19.19 21.96
C GLU B 134 14.40 19.14 20.85
N GLY B 135 15.32 20.11 20.82
CA GLY B 135 16.34 20.12 19.79
C GLY B 135 15.90 20.71 18.46
N ARG B 136 14.59 20.83 18.25
CA ARG B 136 14.07 21.40 17.01
C ARG B 136 14.02 22.91 17.19
N LEU B 137 14.27 23.65 16.12
CA LEU B 137 14.27 25.10 16.21
C LEU B 137 13.85 25.78 14.92
N ILE B 138 13.16 26.91 15.05
CA ILE B 138 12.76 27.68 13.89
C ILE B 138 12.97 29.15 14.20
N LYS B 139 13.62 29.84 13.28
CA LYS B 139 13.90 31.26 13.44
C LYS B 139 13.24 32.05 12.33
N ALA B 140 12.71 33.22 12.67
CA ALA B 140 12.07 34.08 11.69
C ALA B 140 12.63 35.49 11.86
N GLU B 141 12.81 36.18 10.76
CA GLU B 141 13.32 37.55 10.79
C GLU B 141 12.82 38.33 9.58
N PRO B 142 12.87 39.67 9.65
CA PRO B 142 12.42 40.55 8.58
C PRO B 142 12.99 40.23 7.21
N SER B 143 12.17 40.43 6.18
CA SER B 143 12.57 40.20 4.80
C SER B 143 11.48 40.73 3.89
N ASP B 144 11.86 41.34 2.77
CA ASP B 144 10.89 41.89 1.83
C ASP B 144 10.24 40.79 1.02
N THR B 145 10.88 39.63 0.98
CA THR B 145 10.37 38.48 0.24
C THR B 145 10.34 37.24 1.13
N LEU B 146 9.50 36.29 0.77
CA LEU B 146 9.39 35.05 1.54
C LEU B 146 10.58 34.16 1.22
N GLU B 147 11.39 33.86 2.23
CA GLU B 147 12.53 32.99 2.06
C GLU B 147 12.46 31.95 3.15
N VAL B 148 12.56 30.68 2.76
CA VAL B 148 12.47 29.60 3.74
C VAL B 148 13.56 28.56 3.56
N THR B 149 14.31 28.31 4.62
CA THR B 149 15.36 27.30 4.58
C THR B 149 15.02 26.24 5.62
N TYR B 150 15.16 24.97 5.22
CA TYR B 150 14.89 23.88 6.14
C TYR B 150 16.14 23.01 6.19
N GLU B 151 16.58 22.70 7.39
CA GLU B 151 17.75 21.85 7.55
C GLU B 151 17.34 20.62 8.32
N GLY B 152 17.58 19.45 7.74
CA GLY B 152 17.24 18.21 8.40
C GLY B 152 18.47 17.46 8.88
N GLU B 153 18.28 16.63 9.89
CA GLU B 153 19.36 15.81 10.43
C GLU B 153 18.69 14.46 10.64
N PHE B 154 18.70 13.66 9.59
CA PHE B 154 18.06 12.35 9.62
C PHE B 154 18.91 11.20 10.13
N LYS B 155 18.26 10.27 10.81
CA LYS B 155 18.93 9.10 11.38
C LYS B 155 19.20 8.02 10.36
N ASN B 156 18.78 8.22 9.11
CA ASN B 156 19.03 7.21 8.08
C ASN B 156 20.07 7.73 7.09
N PHE B 157 20.13 7.12 5.91
CA PHE B 157 21.10 7.53 4.90
C PHE B 157 21.07 9.00 4.48
N LEU B 158 19.94 9.67 4.68
CA LEU B 158 19.83 11.08 4.29
C LEU B 158 20.83 11.96 5.03
N GLY B 159 21.05 11.67 6.31
CA GLY B 159 22.00 12.44 7.10
C GLY B 159 21.61 13.90 7.23
N ARG B 160 22.60 14.78 7.05
CA ARG B 160 22.36 16.22 7.15
C ARG B 160 22.16 16.82 5.76
N GLN B 161 21.00 17.44 5.56
CA GLN B 161 20.68 18.07 4.29
C GLN B 161 19.99 19.40 4.53
N LYS B 162 20.13 20.31 3.57
CA LYS B 162 19.57 21.64 3.69
C LYS B 162 19.06 22.14 2.33
N PHE B 163 17.97 22.89 2.36
CA PHE B 163 17.41 23.44 1.13
C PHE B 163 16.79 24.82 1.41
N THR B 164 17.02 25.75 0.50
CA THR B 164 16.50 27.10 0.64
C THR B 164 15.58 27.47 -0.51
N PHE B 165 14.37 27.92 -0.18
CA PHE B 165 13.41 28.36 -1.17
C PHE B 165 13.42 29.89 -1.19
N VAL B 166 13.36 30.47 -2.37
CA VAL B 166 13.28 31.92 -2.52
C VAL B 166 12.21 32.15 -3.57
N GLU B 167 11.50 33.26 -3.47
CA GLU B 167 10.44 33.56 -4.44
C GLU B 167 10.91 33.34 -5.86
N GLY B 168 10.05 32.74 -6.68
CA GLY B 168 10.41 32.46 -8.05
C GLY B 168 10.81 31.01 -8.26
N ASN B 169 11.16 30.33 -7.17
CA ASN B 169 11.56 28.92 -7.26
C ASN B 169 10.47 28.00 -6.73
N GLU B 170 9.21 28.44 -6.86
CA GLU B 170 8.08 27.66 -6.38
C GLU B 170 8.06 26.24 -6.93
N GLU B 171 8.38 26.08 -8.22
CA GLU B 171 8.36 24.76 -8.82
C GLU B 171 9.40 23.78 -8.28
N GLU B 172 10.37 24.26 -7.51
CA GLU B 172 11.37 23.38 -6.94
C GLU B 172 10.84 22.66 -5.71
N ILE B 173 9.73 23.13 -5.14
CA ILE B 173 9.19 22.48 -3.95
C ILE B 173 7.79 21.90 -4.05
N VAL B 174 7.02 22.28 -5.07
CA VAL B 174 5.65 21.76 -5.19
C VAL B 174 5.58 20.31 -5.65
N LEU B 175 6.71 19.76 -6.11
CA LEU B 175 6.73 18.37 -6.57
C LEU B 175 7.26 17.45 -5.48
N ALA B 176 7.83 18.02 -4.42
CA ALA B 176 8.37 17.22 -3.32
C ALA B 176 7.24 16.53 -2.56
N ARG B 177 7.31 15.22 -2.46
N ARG B 177 7.31 15.22 -2.46
CA ARG B 177 6.29 14.43 -1.78
CA ARG B 177 6.28 14.43 -1.79
C ARG B 177 6.48 14.24 -0.28
C ARG B 177 6.48 14.18 -0.30
N THR B 178 5.37 14.00 0.40
CA THR B 178 5.38 13.75 1.82
C THR B 178 6.14 12.42 2.00
N PHE B 179 6.79 12.25 3.14
CA PHE B 179 7.56 11.04 3.37
C PHE B 179 7.42 10.55 4.80
N ALA B 180 7.77 9.28 5.00
CA ALA B 180 7.71 8.66 6.31
C ALA B 180 8.79 7.58 6.36
N PHE B 181 9.29 7.31 7.57
CA PHE B 181 10.31 6.28 7.74
C PHE B 181 9.60 4.99 8.15
N ASP B 182 10.09 3.86 7.66
CA ASP B 182 9.43 2.60 8.00
C ASP B 182 9.26 2.37 9.49
N TRP B 183 10.18 2.89 10.31
CA TRP B 183 10.09 2.69 11.75
C TRP B 183 8.99 3.50 12.45
N GLU B 184 8.33 4.41 11.73
CA GLU B 184 7.28 5.18 12.35
C GLU B 184 5.88 4.77 11.87
N ILE B 185 5.83 3.87 10.88
CA ILE B 185 4.56 3.40 10.34
C ILE B 185 3.66 2.72 11.37
N GLU B 186 4.24 1.86 12.22
N GLU B 186 4.24 1.86 12.22
CA GLU B 186 3.45 1.16 13.23
CA GLU B 186 3.44 1.17 13.22
C GLU B 186 2.75 2.13 14.17
C GLU B 186 2.75 2.15 14.17
N HIS B 187 3.47 3.15 14.63
CA HIS B 187 2.89 4.15 15.52
C HIS B 187 1.75 4.90 14.86
N ILE B 188 1.97 5.36 13.62
CA ILE B 188 0.96 6.10 12.89
C ILE B 188 -0.32 5.28 12.73
N LYS B 189 -0.18 4.00 12.38
CA LYS B 189 -1.34 3.13 12.23
C LYS B 189 -2.02 2.90 13.56
N LYS B 190 -1.21 2.77 14.62
CA LYS B 190 -1.70 2.52 15.97
C LYS B 190 -2.56 3.64 16.56
N VAL B 191 -2.26 4.89 16.20
CA VAL B 191 -3.04 6.01 16.72
C VAL B 191 -4.23 6.36 15.82
N GLY B 192 -4.62 5.41 14.97
CA GLY B 192 -5.76 5.60 14.08
C GLY B 192 -5.52 6.43 12.83
N LEU B 193 -4.26 6.64 12.47
CA LEU B 193 -3.93 7.46 11.30
C LEU B 193 -3.29 6.68 10.14
N GLY B 194 -2.89 7.41 9.10
CA GLY B 194 -2.25 6.81 7.94
C GLY B 194 -3.01 5.71 7.22
N LYS B 195 -4.33 5.69 7.37
CA LYS B 195 -5.14 4.66 6.73
C LYS B 195 -5.16 4.68 5.22
N GLY B 196 -4.87 5.84 4.62
CA GLY B 196 -4.87 5.92 3.17
C GLY B 196 -3.46 5.95 2.58
N GLY B 197 -2.45 5.81 3.43
CA GLY B 197 -1.08 5.84 2.95
C GLY B 197 -0.70 4.66 2.07
N SER B 198 0.12 4.92 1.05
CA SER B 198 0.61 3.89 0.13
C SER B 198 1.87 4.43 -0.55
N LEU B 199 2.55 3.58 -1.31
CA LEU B 199 3.75 4.02 -2.02
C LEU B 199 3.38 4.97 -3.15
N LYS B 200 2.08 5.10 -3.42
CA LYS B 200 1.62 6.00 -4.47
C LYS B 200 1.48 7.43 -3.98
N ASN B 201 1.34 7.61 -2.67
CA ASN B 201 1.19 8.95 -2.14
C ASN B 201 2.18 9.29 -1.03
N THR B 202 3.08 8.35 -0.74
CA THR B 202 4.06 8.55 0.31
C THR B 202 5.42 7.99 -0.05
N LEU B 203 6.46 8.77 0.23
CA LEU B 203 7.82 8.32 -0.01
C LEU B 203 8.18 7.59 1.28
N VAL B 204 8.39 6.28 1.22
CA VAL B 204 8.72 5.53 2.43
C VAL B 204 10.21 5.18 2.42
N LEU B 205 10.90 5.59 3.47
CA LEU B 205 12.33 5.38 3.58
C LEU B 205 12.73 4.48 4.75
N GLY B 206 13.80 3.72 4.55
CA GLY B 206 14.31 2.84 5.59
C GLY B 206 15.65 3.39 6.04
N LYS B 207 16.30 2.72 6.98
CA LYS B 207 17.60 3.16 7.47
C LYS B 207 18.59 3.38 6.32
N ASP B 208 18.48 2.54 5.29
CA ASP B 208 19.38 2.66 4.16
C ASP B 208 18.71 2.32 2.84
N LYS B 209 17.40 2.47 2.77
CA LYS B 209 16.69 2.14 1.55
C LYS B 209 15.48 3.02 1.24
N VAL B 210 15.11 3.05 -0.03
CA VAL B 210 13.94 3.79 -0.51
C VAL B 210 13.02 2.72 -1.07
N TYR B 211 11.87 2.52 -0.44
CA TYR B 211 10.95 1.49 -0.90
C TYR B 211 10.27 1.77 -2.23
N ASN B 212 9.96 3.04 -2.49
CA ASN B 212 9.30 3.41 -3.74
C ASN B 212 10.20 3.02 -4.91
N PRO B 213 9.67 2.22 -5.85
CA PRO B 213 10.50 1.82 -6.99
C PRO B 213 10.96 3.00 -7.84
N GLU B 214 10.19 4.08 -7.85
CA GLU B 214 10.55 5.26 -8.63
C GLU B 214 11.67 6.06 -7.96
N GLY B 215 12.00 5.71 -6.72
CA GLY B 215 13.07 6.41 -6.01
C GLY B 215 12.70 7.84 -5.63
N LEU B 216 13.71 8.65 -5.30
CA LEU B 216 13.49 10.04 -4.91
C LEU B 216 13.46 10.97 -6.13
N ARG B 217 12.61 11.98 -6.10
CA ARG B 217 12.51 12.94 -7.20
C ARG B 217 13.73 13.85 -7.16
N TYR B 218 14.30 14.02 -5.97
CA TYR B 218 15.50 14.83 -5.76
C TYR B 218 16.26 14.18 -4.61
N GLU B 219 17.58 14.27 -4.61
CA GLU B 219 18.35 13.67 -3.52
C GLU B 219 17.93 14.27 -2.18
N ASN B 220 17.40 15.48 -2.21
CA ASN B 220 16.95 16.15 -0.99
C ASN B 220 15.44 16.38 -0.99
N GLU B 221 14.71 15.52 -1.67
CA GLU B 221 13.26 15.65 -1.74
C GLU B 221 12.63 15.83 -0.36
N PRO B 222 13.08 15.04 0.63
CA PRO B 222 12.50 15.18 1.96
C PRO B 222 12.58 16.59 2.56
N VAL B 223 13.74 17.25 2.45
CA VAL B 223 13.83 18.59 3.02
C VAL B 223 13.05 19.61 2.19
N ARG B 224 12.94 19.38 0.88
CA ARG B 224 12.18 20.29 0.03
C ARG B 224 10.70 20.18 0.46
N HIS B 225 10.27 18.99 0.82
CA HIS B 225 8.89 18.82 1.23
C HIS B 225 8.62 19.52 2.56
N LYS B 226 9.61 19.48 3.46
CA LYS B 226 9.47 20.14 4.76
C LYS B 226 9.35 21.66 4.56
N VAL B 227 10.07 22.20 3.58
CA VAL B 227 9.98 23.63 3.29
C VAL B 227 8.55 23.89 2.81
N PHE B 228 8.07 23.01 1.92
CA PHE B 228 6.72 23.11 1.37
C PHE B 228 5.69 23.13 2.52
N ASP B 229 5.86 22.24 3.50
CA ASP B 229 4.97 22.17 4.67
C ASP B 229 4.95 23.47 5.47
N LEU B 230 6.14 23.97 5.79
CA LEU B 230 6.25 25.20 6.57
C LEU B 230 5.54 26.36 5.89
N ILE B 231 5.69 26.46 4.57
CA ILE B 231 5.03 27.53 3.84
C ILE B 231 3.52 27.38 3.95
N GLY B 232 3.03 26.14 4.00
CA GLY B 232 1.60 25.93 4.15
C GLY B 232 1.14 26.34 5.53
N ASP B 233 1.90 25.94 6.55
CA ASP B 233 1.55 26.28 7.92
C ASP B 233 1.66 27.78 8.17
N LEU B 234 2.61 28.44 7.51
CA LEU B 234 2.78 29.88 7.67
C LEU B 234 1.55 30.65 7.19
N TYR B 235 0.82 30.08 6.22
CA TYR B 235 -0.35 30.76 5.70
C TYR B 235 -1.47 30.84 6.73
N LEU B 236 -1.31 30.14 7.85
CA LEU B 236 -2.31 30.17 8.91
C LEU B 236 -2.24 31.53 9.63
N LEU B 237 -1.30 32.38 9.21
CA LEU B 237 -1.18 33.72 9.80
C LEU B 237 -2.29 34.60 9.26
N GLY B 238 -2.96 34.14 8.20
CA GLY B 238 -4.08 34.90 7.66
C GLY B 238 -3.89 35.65 6.36
N SER B 239 -2.66 35.79 5.90
CA SER B 239 -2.39 36.48 4.63
C SER B 239 -0.98 36.12 4.18
N PRO B 240 -0.65 36.39 2.90
CA PRO B 240 0.70 36.07 2.41
C PRO B 240 1.74 36.63 3.36
N VAL B 241 2.78 35.84 3.60
CA VAL B 241 3.83 36.22 4.53
C VAL B 241 5.14 36.70 3.91
N LYS B 242 5.72 37.74 4.52
CA LYS B 242 7.00 38.27 4.06
C LYS B 242 7.94 38.15 5.25
N GLY B 243 8.94 37.29 5.10
CA GLY B 243 9.91 37.08 6.15
C GLY B 243 10.91 36.01 5.74
N LYS B 244 12.01 35.93 6.48
CA LYS B 244 13.06 34.96 6.21
C LYS B 244 13.02 33.95 7.34
N PHE B 245 12.83 32.68 6.99
CA PHE B 245 12.73 31.62 7.99
C PHE B 245 13.78 30.54 7.88
N TYR B 246 14.20 30.03 9.04
CA TYR B 246 15.18 28.96 9.09
C TYR B 246 14.66 27.92 10.07
N SER B 247 14.36 26.72 9.56
CA SER B 247 13.84 25.66 10.40
C SER B 247 14.83 24.52 10.51
N PHE B 248 15.19 24.15 11.73
CA PHE B 248 16.09 23.04 11.95
C PHE B 248 15.27 21.90 12.56
N ARG B 249 14.99 20.88 11.76
CA ARG B 249 14.23 19.71 12.20
C ARG B 249 12.80 20.05 12.62
N GLY B 250 12.27 21.16 12.13
CA GLY B 250 10.92 21.55 12.49
C GLY B 250 9.82 20.64 11.92
N GLY B 251 8.63 20.77 12.48
CA GLY B 251 7.49 19.98 12.02
C GLY B 251 6.23 20.82 12.19
N HIS B 252 5.08 20.28 11.81
CA HIS B 252 3.83 21.02 11.93
C HIS B 252 3.61 21.60 13.33
N SER B 253 3.93 20.83 14.38
CA SER B 253 3.74 21.34 15.73
C SER B 253 4.57 22.59 16.00
N LEU B 254 5.86 22.54 15.67
CA LEU B 254 6.72 23.70 15.89
C LEU B 254 6.34 24.83 14.95
N ASN B 255 5.92 24.49 13.73
CA ASN B 255 5.53 25.51 12.77
C ASN B 255 4.35 26.31 13.32
N VAL B 256 3.34 25.62 13.81
CA VAL B 256 2.16 26.30 14.36
C VAL B 256 2.53 27.08 15.62
N LYS B 257 3.44 26.54 16.42
CA LYS B 257 3.87 27.23 17.63
C LYS B 257 4.47 28.58 17.22
N LEU B 258 5.26 28.57 16.16
CA LEU B 258 5.88 29.80 15.66
C LEU B 258 4.82 30.78 15.17
N VAL B 259 3.88 30.25 14.38
CA VAL B 259 2.81 31.08 13.84
C VAL B 259 2.03 31.78 14.95
N LYS B 260 1.71 31.04 16.00
CA LYS B 260 0.96 31.62 17.11
C LYS B 260 1.77 32.69 17.86
N GLU B 261 3.07 32.49 17.99
CA GLU B 261 3.89 33.49 18.67
C GLU B 261 4.05 34.74 17.80
N LEU B 262 4.19 34.55 16.49
CA LEU B 262 4.31 35.68 15.58
C LEU B 262 3.02 36.49 15.59
N ALA B 263 1.88 35.79 15.66
CA ALA B 263 0.57 36.43 15.67
C ALA B 263 0.38 37.23 16.97
N LYS B 264 0.79 36.66 18.09
CA LYS B 264 0.66 37.34 19.38
C LYS B 264 1.37 38.70 19.33
N LYS B 265 2.57 38.72 18.78
CA LYS B 265 3.34 39.95 18.69
C LYS B 265 2.66 41.00 17.82
N GLN B 266 1.70 40.56 17.00
CA GLN B 266 0.97 41.43 16.08
C GLN B 266 1.79 41.63 14.82
N LYS B 267 3.04 41.15 14.87
CA LYS B 267 4.01 41.22 13.76
C LYS B 267 3.40 41.63 12.41
#